data_2W4S
#
_entry.id   2W4S
#
_cell.length_a   42.180
_cell.length_b   52.862
_cell.length_c   99.315
_cell.angle_alpha   90.00
_cell.angle_beta   94.05
_cell.angle_gamma   90.00
#
_symmetry.space_group_name_H-M   'P 1 21 1'
#
loop_
_entity.id
_entity.type
_entity.pdbx_description
1 polymer 'Ankyrin-repeat protein'
2 water water
#
_entity_poly.entity_id   1
_entity_poly.type   'polypeptide(L)'
_entity_poly.pdbx_seq_one_letter_code
;GAMDTMESIVLNTIVTGLQEPKKEFIARVIKTIGSQRSLQLYENAMKVENSGGLLTADMSRRKTIGGVFCYLLKQLVAED
QITIQEWNYIRQEEKERINAKNILKRNNRRCQV
;
_entity_poly.pdbx_strand_id   A,B,C,D
#
# COMPACT_ATOMS: atom_id res chain seq x y z
N ASP A 4 24.67 10.47 -3.98
CA ASP A 4 23.77 10.43 -2.77
C ASP A 4 23.68 11.75 -1.97
N THR A 5 24.72 12.58 -2.02
CA THR A 5 24.62 13.95 -1.47
C THR A 5 23.45 14.69 -2.12
N MET A 6 23.41 14.69 -3.46
CA MET A 6 22.30 15.30 -4.22
C MET A 6 20.96 14.60 -3.98
N GLU A 7 20.97 13.28 -3.91
CA GLU A 7 19.74 12.55 -3.55
C GLU A 7 19.14 13.04 -2.24
N SER A 8 20.01 13.22 -1.26
CA SER A 8 19.63 13.67 0.06
C SER A 8 19.18 15.13 0.10
N ILE A 9 19.88 16.00 -0.63
CA ILE A 9 19.50 17.42 -0.74
C ILE A 9 18.10 17.50 -1.33
N VAL A 10 17.91 16.83 -2.47
CA VAL A 10 16.63 16.74 -3.19
C VAL A 10 15.54 16.19 -2.26
N LEU A 11 15.87 15.11 -1.56
CA LEU A 11 14.93 14.45 -0.64
C LEU A 11 14.34 15.44 0.35
N ASN A 12 15.24 16.05 1.13
CA ASN A 12 14.89 17.10 2.06
C ASN A 12 14.14 18.27 1.41
N THR A 13 14.56 18.66 0.20
CA THR A 13 13.92 19.77 -0.50
C THR A 13 12.45 19.40 -0.78
N ILE A 14 12.24 18.23 -1.40
CA ILE A 14 10.87 17.80 -1.69
C ILE A 14 10.06 17.63 -0.39
N VAL A 15 10.65 16.97 0.59
CA VAL A 15 9.94 16.74 1.85
C VAL A 15 9.46 18.07 2.48
N THR A 16 10.38 19.03 2.64
CA THR A 16 10.03 20.37 3.12
C THR A 16 9.04 21.08 2.18
N GLY A 17 9.28 21.02 0.88
CA GLY A 17 8.36 21.63 -0.09
C GLY A 17 6.92 21.14 0.03
N LEU A 18 6.74 19.83 0.24
CA LEU A 18 5.39 19.21 0.31
C LEU A 18 4.83 19.15 1.72
N GLN A 19 5.72 19.22 2.71
CA GLN A 19 5.35 19.10 4.11
C GLN A 19 4.96 17.68 4.45
N LYS A 23 9.36 11.02 4.90
CA LYS A 23 10.68 10.98 4.32
C LYS A 23 10.86 9.67 3.51
N GLU A 24 10.38 8.53 4.06
CA GLU A 24 10.44 7.24 3.36
C GLU A 24 9.65 7.16 2.05
N PHE A 25 8.48 7.81 2.00
CA PHE A 25 7.70 7.87 0.75
C PHE A 25 8.47 8.60 -0.35
N ILE A 26 8.99 9.78 -0.03
CA ILE A 26 9.75 10.56 -1.01
C ILE A 26 11.10 9.90 -1.35
N ALA A 27 11.73 9.29 -0.35
CA ALA A 27 12.89 8.40 -0.58
C ALA A 27 12.59 7.32 -1.65
N ARG A 28 11.49 6.61 -1.46
CA ARG A 28 11.11 5.55 -2.40
C ARG A 28 10.84 6.11 -3.80
N VAL A 29 10.27 7.33 -3.87
CA VAL A 29 10.08 7.96 -5.17
C VAL A 29 11.43 8.22 -5.81
N ILE A 30 12.37 8.76 -5.02
CA ILE A 30 13.70 9.12 -5.56
C ILE A 30 14.44 7.88 -6.02
N LYS A 31 14.45 6.84 -5.17
CA LYS A 31 15.04 5.54 -5.53
C LYS A 31 14.46 5.02 -6.84
N THR A 32 13.19 5.31 -7.10
CA THR A 32 12.54 4.77 -8.30
C THR A 32 12.82 5.54 -9.59
N ILE A 33 12.71 6.87 -9.55
CA ILE A 33 12.89 7.68 -10.77
C ILE A 33 14.10 8.62 -10.74
N GLY A 34 14.98 8.50 -9.73
CA GLY A 34 16.14 9.40 -9.60
C GLY A 34 15.76 10.79 -9.14
N SER A 35 16.75 11.55 -8.67
CA SER A 35 16.46 12.89 -8.12
C SER A 35 16.11 13.97 -9.18
N GLN A 36 16.53 13.74 -10.42
CA GLN A 36 16.21 14.66 -11.51
C GLN A 36 14.73 14.69 -11.78
N ARG A 37 14.13 13.53 -12.07
CA ARG A 37 12.71 13.43 -12.36
C ARG A 37 11.82 13.70 -11.14
N SER A 38 12.35 13.45 -9.94
CA SER A 38 11.67 13.82 -8.70
C SER A 38 11.59 15.34 -8.50
N LEU A 39 12.67 16.07 -8.82
CA LEU A 39 12.62 17.52 -8.75
C LEU A 39 11.61 18.10 -9.75
N GLN A 40 11.61 17.54 -10.95
CA GLN A 40 10.65 17.93 -11.98
C GLN A 40 9.22 17.69 -11.53
N LEU A 41 9.01 16.53 -10.90
CA LEU A 41 7.71 16.20 -10.38
C LEU A 41 7.28 17.24 -9.34
N TYR A 42 8.20 17.60 -8.45
CA TYR A 42 7.93 18.56 -7.39
C TYR A 42 7.66 19.96 -7.98
N GLU A 43 8.50 20.41 -8.92
CA GLU A 43 8.28 21.67 -9.65
C GLU A 43 6.91 21.76 -10.29
N ASN A 44 6.54 20.69 -11.00
CA ASN A 44 5.24 20.59 -11.60
C ASN A 44 4.07 20.70 -10.63
N ALA A 45 4.20 20.10 -9.46
CA ALA A 45 3.18 20.29 -8.44
C ALA A 45 3.14 21.75 -7.95
N MET A 46 4.30 22.41 -7.88
CA MET A 46 4.30 23.86 -7.58
C MET A 46 3.63 24.69 -8.68
N LYS A 47 3.88 24.37 -9.95
CA LYS A 47 3.18 25.03 -11.10
C LYS A 47 1.64 24.93 -10.98
N VAL A 48 1.18 23.74 -10.64
CA VAL A 48 -0.24 23.52 -10.41
C VAL A 48 -0.72 24.40 -9.26
N GLU A 49 0.04 24.51 -8.18
CA GLU A 49 -0.39 25.31 -7.05
C GLU A 49 -0.36 26.80 -7.38
N ASN A 50 0.69 27.26 -8.07
CA ASN A 50 0.76 28.66 -8.50
C ASN A 50 -0.39 29.02 -9.46
N SER A 51 -0.93 28.03 -10.19
CA SER A 51 -2.09 28.20 -11.08
C SER A 51 -3.41 28.09 -10.35
N GLY A 52 -3.40 28.09 -9.04
CA GLY A 52 -4.66 27.97 -8.35
C GLY A 52 -5.01 26.56 -7.92
N GLY A 53 -4.16 25.60 -8.22
CA GLY A 53 -4.28 24.28 -7.58
C GLY A 53 -5.34 23.38 -8.17
N LEU A 54 -5.75 22.40 -7.38
CA LEU A 54 -6.67 21.34 -7.84
C LEU A 54 -7.64 21.03 -6.72
N LEU A 55 -8.92 20.91 -7.10
CA LEU A 55 -9.97 20.51 -6.19
C LEU A 55 -9.92 19.04 -5.82
N THR A 56 -10.35 18.76 -4.60
CA THR A 56 -10.59 17.39 -4.13
C THR A 56 -11.75 16.77 -4.90
N ALA A 57 -11.81 15.44 -4.89
CA ALA A 57 -12.86 14.70 -5.59
C ALA A 57 -14.28 15.16 -5.20
N ASP A 58 -14.46 15.68 -3.99
CA ASP A 58 -15.78 16.16 -3.56
C ASP A 58 -15.99 17.67 -3.74
N MET A 59 -14.97 18.34 -4.29
CA MET A 59 -15.03 19.77 -4.58
C MET A 59 -15.24 20.65 -3.32
N SER A 60 -14.88 20.13 -2.15
CA SER A 60 -15.07 20.89 -0.92
C SER A 60 -13.88 21.80 -0.62
N ARG A 61 -12.71 21.45 -1.16
CA ARG A 61 -11.47 22.19 -0.87
C ARG A 61 -10.42 21.98 -1.96
N ARG A 62 -9.29 22.65 -1.83
CA ARG A 62 -8.13 22.38 -2.64
C ARG A 62 -7.37 21.18 -2.08
N LYS A 63 -6.92 20.29 -2.96
CA LYS A 63 -5.90 19.32 -2.59
C LYS A 63 -4.76 20.10 -2.00
N THR A 64 -4.13 19.60 -0.94
CA THR A 64 -2.84 20.10 -0.49
C THR A 64 -1.82 19.85 -1.60
N ILE A 65 -0.69 20.55 -1.57
CA ILE A 65 0.40 20.30 -2.54
C ILE A 65 0.85 18.83 -2.51
N GLY A 66 0.89 18.22 -1.33
CA GLY A 66 1.11 16.78 -1.21
C GLY A 66 0.14 15.98 -2.08
N GLY A 67 -1.15 16.31 -2.01
CA GLY A 67 -2.18 15.65 -2.81
C GLY A 67 -1.98 15.86 -4.30
N VAL A 68 -1.58 17.07 -4.68
CA VAL A 68 -1.27 17.35 -6.08
C VAL A 68 -0.13 16.45 -6.56
N PHE A 69 0.92 16.35 -5.76
CA PHE A 69 2.12 15.53 -6.07
C PHE A 69 1.78 14.07 -6.26
N CYS A 70 0.87 13.54 -5.45
CA CYS A 70 0.44 12.15 -5.60
C CYS A 70 -0.33 11.88 -6.88
N TYR A 71 -1.26 12.79 -7.21
CA TYR A 71 -1.98 12.76 -8.47
C TYR A 71 -0.99 12.83 -9.64
N LEU A 72 -0.06 13.78 -9.60
CA LEU A 72 0.97 13.85 -10.63
C LEU A 72 1.79 12.54 -10.72
N LEU A 73 2.09 11.90 -9.58
CA LEU A 73 2.91 10.69 -9.54
C LEU A 73 2.14 9.53 -10.19
N LYS A 74 0.82 9.53 -9.96
CA LYS A 74 -0.06 8.56 -10.56
C LYS A 74 -0.14 8.80 -12.06
N GLN A 75 -0.02 10.06 -12.50
CA GLN A 75 0.03 10.38 -13.93
C GLN A 75 1.26 9.78 -14.60
N LEU A 76 2.35 9.64 -13.84
CA LEU A 76 3.52 8.91 -14.34
C LEU A 76 3.24 7.41 -14.54
N VAL A 77 2.37 6.81 -13.73
CA VAL A 77 1.89 5.45 -14.03
C VAL A 77 1.02 5.44 -15.29
N ALA A 78 0.12 6.41 -15.39
CA ALA A 78 -0.75 6.52 -16.56
C ALA A 78 0.07 6.59 -17.84
N GLU A 79 1.21 7.29 -17.79
CA GLU A 79 2.08 7.47 -18.97
C GLU A 79 3.10 6.35 -19.13
N ASP A 80 3.01 5.33 -18.29
CA ASP A 80 3.94 4.20 -18.31
C ASP A 80 5.39 4.60 -18.02
N GLN A 81 5.57 5.67 -17.23
CA GLN A 81 6.88 6.16 -16.82
C GLN A 81 7.36 5.41 -15.60
N ILE A 82 6.42 4.97 -14.79
CA ILE A 82 6.72 4.05 -13.71
C ILE A 82 5.74 2.90 -13.82
N THR A 83 6.21 1.70 -13.50
CA THR A 83 5.41 0.49 -13.65
C THR A 83 4.57 0.30 -12.40
N ILE A 84 3.57 -0.57 -12.51
CA ILE A 84 2.66 -0.84 -11.42
C ILE A 84 3.37 -1.40 -10.18
N GLN A 85 4.33 -2.30 -10.34
CA GLN A 85 5.10 -2.75 -9.20
C GLN A 85 5.86 -1.61 -8.47
N GLU A 86 6.38 -0.65 -9.22
CA GLU A 86 7.09 0.49 -8.65
C GLU A 86 6.15 1.41 -7.88
N TRP A 87 4.93 1.56 -8.39
CA TRP A 87 3.90 2.36 -7.74
C TRP A 87 3.50 1.73 -6.39
N ASN A 88 3.46 0.41 -6.37
CA ASN A 88 3.13 -0.33 -5.17
C ASN A 88 4.30 -0.27 -4.20
N TYR A 89 5.52 -0.27 -4.72
CA TYR A 89 6.72 -0.20 -3.90
C TYR A 89 6.75 1.15 -3.18
N ILE A 90 6.45 2.21 -3.94
CA ILE A 90 6.42 3.57 -3.47
C ILE A 90 5.28 3.78 -2.46
N ARG A 91 4.13 3.16 -2.68
CA ARG A 91 2.96 3.45 -1.85
C ARG A 91 2.76 2.62 -0.59
N GLN A 92 3.42 1.47 -0.47
CA GLN A 92 3.28 0.63 0.73
C GLN A 92 4.58 -0.08 1.04
N THR B 5 22.20 19.55 -16.88
CA THR B 5 20.72 19.31 -16.92
C THR B 5 20.10 19.22 -15.52
N MET B 6 20.85 18.69 -14.55
CA MET B 6 20.43 18.83 -13.16
C MET B 6 20.46 20.30 -12.76
N GLU B 7 21.45 21.04 -13.27
CA GLU B 7 21.48 22.49 -13.11
C GLU B 7 20.20 23.10 -13.66
N SER B 8 19.83 22.69 -14.86
CA SER B 8 18.63 23.22 -15.46
C SER B 8 17.32 22.83 -14.71
N ILE B 9 17.30 21.66 -14.08
CA ILE B 9 16.11 21.27 -13.30
C ILE B 9 16.06 22.05 -11.98
N VAL B 10 17.23 22.21 -11.34
CA VAL B 10 17.36 23.05 -10.14
C VAL B 10 16.91 24.50 -10.43
N LEU B 11 17.44 25.09 -11.51
CA LEU B 11 17.05 26.43 -11.94
C LEU B 11 15.52 26.63 -11.97
N ASN B 12 14.85 25.77 -12.71
CA ASN B 12 13.40 25.77 -12.85
C ASN B 12 12.62 25.63 -11.56
N THR B 13 13.01 24.66 -10.73
CA THR B 13 12.37 24.43 -9.44
C THR B 13 12.49 25.64 -8.54
N ILE B 14 13.70 26.18 -8.45
CA ILE B 14 13.95 27.35 -7.61
C ILE B 14 13.12 28.56 -8.14
N VAL B 15 13.19 28.83 -9.45
CA VAL B 15 12.43 29.94 -10.05
C VAL B 15 10.93 29.82 -9.77
N THR B 16 10.36 28.67 -10.13
CA THR B 16 8.98 28.33 -9.78
C THR B 16 8.72 28.51 -8.27
N GLY B 17 9.59 27.97 -7.43
CA GLY B 17 9.39 28.04 -5.99
C GLY B 17 9.48 29.44 -5.40
N LEU B 18 10.43 30.25 -5.86
CA LEU B 18 10.51 31.65 -5.43
C LEU B 18 9.42 32.52 -6.08
N GLN B 19 8.79 32.00 -7.14
CA GLN B 19 7.80 32.71 -7.92
C GLN B 19 8.44 33.93 -8.58
N LYS B 23 14.51 34.15 -14.76
CA LYS B 23 15.40 33.01 -14.50
C LYS B 23 16.87 33.40 -14.30
N GLU B 24 17.34 34.40 -15.06
CA GLU B 24 18.77 34.72 -15.14
C GLU B 24 19.44 35.00 -13.79
N PHE B 25 18.72 35.69 -12.89
CA PHE B 25 19.22 35.91 -11.53
C PHE B 25 19.54 34.57 -10.83
N ILE B 26 18.60 33.65 -10.83
CA ILE B 26 18.87 32.35 -10.22
C ILE B 26 19.94 31.52 -10.95
N ALA B 27 20.04 31.66 -12.27
CA ALA B 27 21.09 30.99 -13.03
C ALA B 27 22.52 31.43 -12.62
N ARG B 28 22.68 32.72 -12.33
CA ARG B 28 23.97 33.23 -11.84
C ARG B 28 24.31 32.62 -10.50
N VAL B 29 23.35 32.65 -9.57
CA VAL B 29 23.52 32.03 -8.26
C VAL B 29 23.99 30.59 -8.47
N ILE B 30 23.24 29.86 -9.31
CA ILE B 30 23.58 28.48 -9.59
C ILE B 30 24.99 28.36 -10.12
N LYS B 31 25.38 29.25 -11.05
CA LYS B 31 26.71 29.20 -11.65
C LYS B 31 27.81 29.57 -10.67
N THR B 32 27.45 30.30 -9.62
CA THR B 32 28.43 30.78 -8.66
C THR B 32 28.65 29.81 -7.52
N ILE B 33 27.57 29.21 -7.03
CA ILE B 33 27.68 28.31 -5.87
C ILE B 33 27.29 26.86 -6.12
N GLY B 34 26.84 26.54 -7.33
CA GLY B 34 26.46 25.15 -7.73
C GLY B 34 25.04 24.73 -7.37
N SER B 35 24.54 23.73 -8.08
CA SER B 35 23.21 23.13 -7.89
C SER B 35 22.92 22.72 -6.44
N GLN B 36 23.85 22.04 -5.80
CA GLN B 36 23.61 21.51 -4.46
C GLN B 36 23.43 22.58 -3.40
N ARG B 37 24.34 23.55 -3.34
CA ARG B 37 24.22 24.62 -2.35
C ARG B 37 23.01 25.50 -2.64
N SER B 38 22.69 25.68 -3.92
CA SER B 38 21.50 26.44 -4.35
C SER B 38 20.23 25.79 -3.84
N LEU B 39 20.22 24.48 -3.89
CA LEU B 39 19.05 23.76 -3.47
C LEU B 39 18.92 23.81 -1.94
N GLN B 40 20.05 23.67 -1.22
CA GLN B 40 20.02 23.83 0.22
C GLN B 40 19.58 25.22 0.66
N LEU B 41 20.01 26.22 -0.11
CA LEU B 41 19.65 27.60 0.13
C LEU B 41 18.13 27.74 -0.01
N TYR B 42 17.58 27.22 -1.11
CA TYR B 42 16.14 27.27 -1.35
C TYR B 42 15.32 26.56 -0.27
N GLU B 43 15.69 25.32 0.07
CA GLU B 43 15.05 24.62 1.18
C GLU B 43 15.13 25.38 2.51
N ASN B 44 16.30 25.92 2.83
CA ASN B 44 16.42 26.77 4.01
C ASN B 44 15.52 28.00 3.99
N ALA B 45 15.41 28.68 2.83
CA ALA B 45 14.44 29.78 2.66
C ALA B 45 13.02 29.30 2.95
N MET B 46 12.70 28.12 2.43
CA MET B 46 11.39 27.54 2.75
C MET B 46 11.17 27.46 4.25
N LYS B 47 12.10 26.85 4.96
CA LYS B 47 11.95 26.64 6.42
C LYS B 47 11.88 27.97 7.17
N VAL B 48 12.77 28.89 6.83
CA VAL B 48 12.74 30.21 7.46
C VAL B 48 11.45 30.99 7.21
N GLU B 49 10.93 30.84 5.99
CA GLU B 49 9.67 31.47 5.64
C GLU B 49 8.52 30.84 6.44
N ASN B 50 8.48 29.51 6.52
CA ASN B 50 7.42 28.81 7.28
C ASN B 50 7.37 29.29 8.76
N SER B 51 8.48 29.81 9.30
CA SER B 51 8.49 30.32 10.68
C SER B 51 8.19 31.83 10.82
N GLY B 52 7.91 32.54 9.74
CA GLY B 52 7.59 33.97 9.82
C GLY B 52 8.67 34.85 9.25
N GLY B 53 9.72 34.22 8.72
CA GLY B 53 10.77 34.91 7.99
C GLY B 53 11.94 35.29 8.88
N LEU B 54 12.57 36.42 8.55
CA LEU B 54 13.70 36.84 9.32
C LEU B 54 13.74 38.34 9.55
N LEU B 55 14.65 38.75 10.43
CA LEU B 55 14.88 40.14 10.72
C LEU B 55 16.29 40.50 10.23
N THR B 56 16.40 41.59 9.50
CA THR B 56 17.68 42.01 8.94
C THR B 56 18.43 42.87 9.96
N ALA B 57 19.67 43.21 9.64
CA ALA B 57 20.48 44.14 10.44
C ALA B 57 19.81 45.50 10.70
N ASP B 58 19.04 46.03 9.76
CA ASP B 58 18.34 47.29 10.02
C ASP B 58 16.87 47.07 10.42
N MET B 59 16.60 45.92 11.00
CA MET B 59 15.26 45.55 11.51
C MET B 59 14.13 45.66 10.50
N SER B 60 14.44 45.49 9.23
CA SER B 60 13.42 45.27 8.25
C SER B 60 13.14 43.76 8.26
N ARG B 61 11.88 43.39 8.11
CA ARG B 61 11.45 42.00 8.11
C ARG B 61 11.48 41.47 6.70
N ARG B 62 11.77 40.17 6.55
CA ARG B 62 11.61 39.48 5.28
C ARG B 62 10.72 38.32 5.55
N LYS B 63 9.50 38.42 5.03
CA LYS B 63 8.44 37.47 5.26
C LYS B 63 8.25 36.55 4.04
N THR B 64 8.53 37.06 2.86
CA THR B 64 8.32 36.29 1.64
C THR B 64 9.56 35.44 1.33
N ILE B 65 9.30 34.28 0.72
CA ILE B 65 10.37 33.35 0.35
C ILE B 65 11.44 34.03 -0.52
N GLY B 66 11.00 34.86 -1.47
CA GLY B 66 11.92 35.64 -2.28
C GLY B 66 12.78 36.59 -1.44
N GLY B 67 12.17 37.26 -0.46
CA GLY B 67 12.88 38.14 0.46
C GLY B 67 13.86 37.38 1.33
N VAL B 68 13.41 36.28 1.91
CA VAL B 68 14.27 35.50 2.77
C VAL B 68 15.45 34.96 1.94
N PHE B 69 15.16 34.44 0.74
CA PHE B 69 16.17 33.84 -0.11
C PHE B 69 17.30 34.83 -0.38
N CYS B 70 16.94 36.01 -0.86
CA CYS B 70 17.90 37.06 -1.17
C CYS B 70 18.80 37.45 0.01
N TYR B 71 18.21 37.53 1.19
CA TYR B 71 18.96 37.93 2.35
C TYR B 71 19.97 36.87 2.78
N LEU B 72 19.54 35.59 2.75
CA LEU B 72 20.41 34.46 3.07
C LEU B 72 21.59 34.41 2.13
N LEU B 73 21.31 34.70 0.86
CA LEU B 73 22.34 34.78 -0.16
C LEU B 73 23.30 35.92 0.15
N LYS B 74 22.76 37.04 0.63
CA LYS B 74 23.56 38.16 1.06
C LYS B 74 24.47 37.81 2.23
N GLN B 75 23.89 37.18 3.25
CA GLN B 75 24.66 36.73 4.42
C GLN B 75 25.82 35.78 4.03
N LEU B 76 25.70 35.06 2.91
CA LEU B 76 26.83 34.28 2.36
C LEU B 76 28.03 35.14 1.99
N VAL B 77 27.76 36.34 1.45
CA VAL B 77 28.79 37.31 1.12
C VAL B 77 29.46 37.81 2.40
N ALA B 78 28.62 38.21 3.35
CA ALA B 78 29.05 38.72 4.65
C ALA B 78 29.81 37.66 5.43
N GLU B 79 29.39 36.41 5.24
CA GLU B 79 29.97 35.29 5.94
C GLU B 79 31.19 34.71 5.18
N ASP B 80 31.66 35.41 4.16
CA ASP B 80 32.84 34.97 3.44
C ASP B 80 32.66 33.73 2.56
N GLN B 81 31.44 33.43 2.12
CA GLN B 81 31.20 32.20 1.32
C GLN B 81 31.04 32.50 -0.15
N ILE B 82 30.61 33.72 -0.45
CA ILE B 82 30.63 34.28 -1.79
C ILE B 82 31.48 35.56 -1.77
N THR B 83 32.28 35.75 -2.81
CA THR B 83 33.08 36.96 -2.92
C THR B 83 32.30 38.15 -3.48
N ILE B 84 32.78 39.35 -3.15
CA ILE B 84 32.25 40.64 -3.61
C ILE B 84 32.19 40.66 -5.14
N GLN B 85 33.28 40.26 -5.78
CA GLN B 85 33.32 40.07 -7.23
C GLN B 85 32.10 39.24 -7.66
N GLU B 86 31.88 38.11 -7.01
CA GLU B 86 30.81 37.19 -7.40
C GLU B 86 29.40 37.70 -7.08
N TRP B 87 29.24 38.36 -5.93
CA TRP B 87 27.97 38.96 -5.56
C TRP B 87 27.59 40.08 -6.54
N ASN B 88 28.56 40.85 -6.98
CA ASN B 88 28.31 41.89 -7.97
C ASN B 88 27.91 41.29 -9.30
N TYR B 89 28.48 40.14 -9.63
CA TYR B 89 28.08 39.43 -10.83
C TYR B 89 26.61 38.97 -10.71
N ILE B 90 26.27 38.31 -9.60
CA ILE B 90 24.90 37.81 -9.30
C ILE B 90 23.78 38.85 -9.43
N ARG B 91 23.92 40.03 -8.81
CA ARG B 91 22.98 41.14 -9.12
C ARG B 91 23.32 41.83 -10.46
N GLN B 92 22.47 41.62 -11.47
CA GLN B 92 22.81 41.82 -12.89
C GLN B 92 24.11 42.59 -13.16
N ASP C 4 -28.36 -29.08 3.34
CA ASP C 4 -27.76 -29.33 1.99
C ASP C 4 -27.87 -28.10 1.07
N THR C 5 -27.59 -26.94 1.63
CA THR C 5 -27.22 -25.81 0.80
C THR C 5 -25.98 -25.25 1.48
N MET C 6 -25.96 -25.38 2.81
CA MET C 6 -24.77 -25.20 3.63
C MET C 6 -23.77 -26.31 3.34
N GLU C 7 -24.26 -27.43 2.83
CA GLU C 7 -23.38 -28.53 2.52
C GLU C 7 -22.75 -28.37 1.15
N SER C 8 -23.48 -27.78 0.19
CA SER C 8 -22.90 -27.41 -1.10
C SER C 8 -21.71 -26.47 -0.88
N ILE C 9 -21.90 -25.54 0.04
CA ILE C 9 -20.93 -24.51 0.32
C ILE C 9 -19.71 -25.08 1.03
N VAL C 10 -19.96 -25.92 2.03
CA VAL C 10 -18.85 -26.58 2.72
C VAL C 10 -18.09 -27.43 1.70
N LEU C 11 -18.84 -28.17 0.89
CA LEU C 11 -18.29 -28.98 -0.20
C LEU C 11 -17.30 -28.25 -1.05
N ASN C 12 -17.75 -27.15 -1.66
CA ASN C 12 -16.93 -26.29 -2.52
C ASN C 12 -15.79 -25.63 -1.80
N THR C 13 -16.04 -25.09 -0.61
CA THR C 13 -14.94 -24.53 0.18
C THR C 13 -13.82 -25.56 0.36
N ILE C 14 -14.18 -26.77 0.83
CA ILE C 14 -13.16 -27.80 1.08
C ILE C 14 -12.51 -28.20 -0.25
N VAL C 15 -13.35 -28.38 -1.28
CA VAL C 15 -12.84 -28.78 -2.59
C VAL C 15 -11.82 -27.77 -3.13
N THR C 16 -12.15 -26.48 -3.08
CA THR C 16 -11.24 -25.43 -3.51
C THR C 16 -10.01 -25.34 -2.59
N GLY C 17 -10.23 -25.47 -1.29
CA GLY C 17 -9.15 -25.39 -0.34
C GLY C 17 -8.12 -26.49 -0.45
N LEU C 18 -8.54 -27.71 -0.79
CA LEU C 18 -7.62 -28.82 -0.99
C LEU C 18 -7.11 -29.02 -2.43
N GLN C 19 -7.65 -28.27 -3.41
CA GLN C 19 -7.42 -28.58 -4.84
C GLN C 19 -7.92 -30.00 -5.19
N LYS C 23 -14.98 -33.57 -6.53
CA LYS C 23 -16.08 -33.38 -5.61
C LYS C 23 -16.77 -34.58 -4.97
N GLU C 24 -16.85 -35.71 -5.68
CA GLU C 24 -17.48 -36.89 -5.05
C GLU C 24 -16.75 -37.44 -3.83
N PHE C 25 -15.42 -37.49 -3.86
CA PHE C 25 -14.70 -37.92 -2.66
C PHE C 25 -14.99 -37.02 -1.45
N ILE C 26 -15.05 -35.72 -1.66
CA ILE C 26 -15.38 -34.84 -0.55
C ILE C 26 -16.89 -34.90 -0.22
N ALA C 27 -17.74 -35.00 -1.24
CA ALA C 27 -19.17 -35.28 -1.03
C ALA C 27 -19.42 -36.50 -0.11
N ARG C 28 -18.66 -37.58 -0.32
CA ARG C 28 -18.80 -38.77 0.53
C ARG C 28 -18.35 -38.52 1.97
N VAL C 29 -17.32 -37.71 2.19
CA VAL C 29 -16.93 -37.35 3.57
C VAL C 29 -18.03 -36.56 4.29
N ILE C 30 -18.56 -35.54 3.62
CA ILE C 30 -19.67 -34.73 4.15
C ILE C 30 -20.91 -35.57 4.44
N LYS C 31 -21.27 -36.46 3.50
CA LYS C 31 -22.40 -37.38 3.67
C LYS C 31 -22.21 -38.27 4.91
N THR C 32 -20.96 -38.66 5.15
CA THR C 32 -20.64 -39.52 6.30
C THR C 32 -20.46 -38.82 7.66
N ILE C 33 -19.59 -37.80 7.75
CA ILE C 33 -19.38 -37.14 9.06
C ILE C 33 -20.14 -35.80 9.27
N GLY C 34 -20.85 -35.32 8.25
CA GLY C 34 -21.53 -34.01 8.34
C GLY C 34 -20.64 -32.81 7.98
N SER C 35 -21.24 -31.68 7.59
CA SER C 35 -20.46 -30.53 7.14
C SER C 35 -19.66 -29.90 8.28
N GLN C 36 -20.21 -30.00 9.48
CA GLN C 36 -19.54 -29.57 10.69
C GLN C 36 -18.20 -30.28 10.91
N ARG C 37 -18.15 -31.60 10.96
CA ARG C 37 -16.87 -32.29 11.23
C ARG C 37 -15.89 -32.21 10.04
N SER C 38 -16.46 -32.21 8.82
CA SER C 38 -15.71 -31.96 7.59
C SER C 38 -14.90 -30.65 7.62
N LEU C 39 -15.55 -29.55 8.04
CA LEU C 39 -14.86 -28.26 8.13
C LEU C 39 -13.73 -28.28 9.14
N GLN C 40 -13.97 -28.89 10.30
CA GLN C 40 -12.94 -29.10 11.33
C GLN C 40 -11.74 -29.87 10.80
N LEU C 41 -11.98 -30.85 9.94
CA LEU C 41 -10.90 -31.60 9.29
C LEU C 41 -10.08 -30.70 8.32
N TYR C 42 -10.79 -29.86 7.56
CA TYR C 42 -10.18 -28.95 6.59
C TYR C 42 -9.31 -27.95 7.33
N GLU C 43 -9.88 -27.40 8.39
CA GLU C 43 -9.16 -26.50 9.28
C GLU C 43 -7.91 -27.13 9.87
N ASN C 44 -8.04 -28.36 10.37
CA ASN C 44 -6.93 -29.07 10.99
C ASN C 44 -5.82 -29.33 10.01
N ALA C 45 -6.19 -29.67 8.78
CA ALA C 45 -5.24 -29.85 7.66
C ALA C 45 -4.52 -28.55 7.40
N MET C 46 -5.26 -27.44 7.45
CA MET C 46 -4.66 -26.10 7.30
C MET C 46 -3.70 -25.77 8.43
N LYS C 47 -4.03 -26.16 9.67
CA LYS C 47 -3.14 -25.89 10.84
C LYS C 47 -1.83 -26.61 10.71
N VAL C 48 -1.92 -27.87 10.30
CA VAL C 48 -0.77 -28.68 9.96
C VAL C 48 0.06 -28.04 8.85
N GLU C 49 -0.61 -27.54 7.80
CA GLU C 49 0.11 -26.85 6.75
C GLU C 49 0.79 -25.59 7.32
N ASN C 50 0.11 -24.85 8.19
CA ASN C 50 0.71 -23.66 8.81
C ASN C 50 1.94 -24.00 9.68
N SER C 51 1.92 -25.20 10.27
CA SER C 51 3.06 -25.68 11.05
C SER C 51 4.20 -26.23 10.22
N GLY C 52 4.17 -26.04 8.91
CA GLY C 52 5.22 -26.59 8.06
C GLY C 52 4.94 -27.97 7.48
N GLY C 53 3.71 -28.43 7.48
CA GLY C 53 3.32 -29.62 6.73
C GLY C 53 3.71 -30.95 7.33
N LEU C 54 3.58 -32.01 6.53
CA LEU C 54 4.09 -33.35 6.85
C LEU C 54 4.87 -33.84 5.64
N LEU C 55 5.79 -34.78 5.88
CA LEU C 55 6.54 -35.40 4.82
C LEU C 55 5.74 -36.59 4.28
N THR C 56 5.94 -36.86 2.99
CA THR C 56 5.53 -38.14 2.43
C THR C 56 6.33 -39.26 3.12
N ALA C 57 5.91 -40.50 2.93
CA ALA C 57 6.55 -41.65 3.57
C ALA C 57 8.00 -41.82 3.13
N ASP C 58 8.31 -41.38 1.91
CA ASP C 58 9.67 -41.47 1.40
C ASP C 58 10.49 -40.22 1.75
N MET C 59 9.85 -39.27 2.42
CA MET C 59 10.51 -38.06 2.94
C MET C 59 11.15 -37.18 1.86
N SER C 60 10.64 -37.27 0.63
CA SER C 60 11.22 -36.56 -0.50
C SER C 60 10.53 -35.23 -0.71
N ARG C 61 9.29 -35.14 -0.29
CA ARG C 61 8.62 -33.84 -0.29
C ARG C 61 7.58 -33.74 0.81
N ARG C 62 7.03 -32.55 0.97
CA ARG C 62 5.88 -32.35 1.81
C ARG C 62 4.71 -33.06 1.17
N LYS C 63 3.78 -33.55 1.97
CA LYS C 63 2.50 -33.99 1.47
C LYS C 63 1.78 -32.75 0.98
N THR C 64 1.04 -32.85 -0.12
CA THR C 64 0.09 -31.80 -0.50
C THR C 64 -0.95 -31.72 0.63
N ILE C 65 -1.74 -30.67 0.67
CA ILE C 65 -2.76 -30.52 1.71
C ILE C 65 -3.89 -31.55 1.49
N GLY C 66 -4.08 -31.98 0.26
CA GLY C 66 -4.96 -33.12 0.00
C GLY C 66 -4.50 -34.37 0.75
N GLY C 67 -3.20 -34.65 0.72
CA GLY C 67 -2.65 -35.80 1.41
C GLY C 67 -2.78 -35.69 2.92
N VAL C 68 -2.61 -34.47 3.45
CA VAL C 68 -2.74 -34.23 4.90
C VAL C 68 -4.16 -34.57 5.36
N PHE C 69 -5.14 -34.04 4.64
CA PHE C 69 -6.57 -34.27 4.90
C PHE C 69 -6.91 -35.77 4.89
N CYS C 70 -6.29 -36.53 3.98
CA CYS C 70 -6.50 -37.98 3.94
C CYS C 70 -5.89 -38.73 5.12
N TYR C 71 -4.70 -38.31 5.53
CA TYR C 71 -4.06 -38.83 6.75
C TYR C 71 -4.91 -38.50 7.98
N LEU C 72 -5.46 -37.30 8.06
CA LEU C 72 -6.31 -36.89 9.17
C LEU C 72 -7.64 -37.64 9.23
N LEU C 73 -8.18 -37.96 8.07
CA LEU C 73 -9.43 -38.65 7.90
C LEU C 73 -9.20 -40.07 8.36
N LYS C 74 -8.04 -40.60 7.97
CA LYS C 74 -7.65 -41.93 8.35
C LYS C 74 -7.42 -42.01 9.85
N GLN C 75 -7.02 -40.89 10.45
CA GLN C 75 -6.92 -40.79 11.90
C GLN C 75 -8.30 -40.87 12.56
N LEU C 76 -9.33 -40.47 11.84
CA LEU C 76 -10.68 -40.60 12.38
C LEU C 76 -11.09 -42.07 12.50
N VAL C 77 -10.61 -42.89 11.56
CA VAL C 77 -10.86 -44.34 11.60
C VAL C 77 -10.07 -45.00 12.76
N ALA C 78 -8.84 -44.52 13.00
CA ALA C 78 -7.97 -45.07 14.02
C ALA C 78 -8.56 -44.81 15.41
N GLU C 79 -9.19 -43.63 15.54
CA GLU C 79 -9.83 -43.25 16.80
C GLU C 79 -11.27 -43.69 16.92
N ASP C 80 -11.71 -44.57 16.00
CA ASP C 80 -13.06 -45.15 16.01
C ASP C 80 -14.17 -44.13 15.77
N GLN C 81 -13.89 -43.10 14.97
CA GLN C 81 -14.87 -42.03 14.72
C GLN C 81 -15.67 -42.30 13.45
N ILE C 82 -15.02 -42.99 12.52
CA ILE C 82 -15.59 -43.41 11.24
C ILE C 82 -15.44 -44.93 11.30
N THR C 83 -16.45 -45.69 10.88
CA THR C 83 -16.35 -47.17 10.81
C THR C 83 -15.52 -47.59 9.61
N ILE C 84 -15.10 -48.85 9.58
CA ILE C 84 -14.37 -49.40 8.43
C ILE C 84 -15.25 -49.36 7.18
N GLN C 85 -16.49 -49.84 7.29
CA GLN C 85 -17.47 -49.69 6.21
C GLN C 85 -17.58 -48.25 5.70
N GLU C 86 -17.67 -47.27 6.59
CA GLU C 86 -17.73 -45.88 6.16
C GLU C 86 -16.45 -45.43 5.44
N TRP C 87 -15.32 -45.94 5.89
CA TRP C 87 -14.05 -45.58 5.26
C TRP C 87 -13.95 -46.12 3.82
N ASN C 88 -14.49 -47.29 3.60
CA ASN C 88 -14.55 -47.89 2.29
C ASN C 88 -15.50 -47.16 1.36
N TYR C 89 -16.64 -46.70 1.88
CA TYR C 89 -17.60 -45.94 1.07
C TYR C 89 -16.94 -44.66 0.55
N ILE C 90 -16.28 -43.93 1.47
CA ILE C 90 -15.59 -42.69 1.18
C ILE C 90 -14.50 -42.89 0.12
N ARG C 91 -13.68 -43.94 0.27
CA ARG C 91 -12.53 -44.19 -0.60
C ARG C 91 -12.80 -44.82 -1.99
N GLN C 92 -14.01 -45.33 -2.26
CA GLN C 92 -14.39 -45.81 -3.61
C GLN C 92 -15.85 -46.27 -3.73
N ASP D 4 -24.74 -22.05 16.98
CA ASP D 4 -23.48 -21.30 17.31
C ASP D 4 -22.19 -22.15 17.19
N THR D 5 -22.31 -23.47 17.04
CA THR D 5 -21.11 -24.31 16.87
C THR D 5 -20.64 -24.35 15.41
N MET D 6 -21.58 -24.40 14.48
CA MET D 6 -21.22 -24.27 13.08
C MET D 6 -20.51 -22.93 12.82
N GLU D 7 -21.08 -21.84 13.32
CA GLU D 7 -20.51 -20.51 13.11
C GLU D 7 -19.23 -20.31 13.92
N SER D 8 -19.08 -21.06 15.01
CA SER D 8 -17.82 -21.12 15.73
C SER D 8 -16.77 -21.89 14.95
N ILE D 9 -17.22 -22.77 14.06
CA ILE D 9 -16.31 -23.55 13.22
C ILE D 9 -15.99 -22.81 11.91
N VAL D 10 -16.97 -22.10 11.35
CA VAL D 10 -16.73 -21.25 10.20
C VAL D 10 -15.71 -20.19 10.64
N LEU D 11 -15.95 -19.56 11.79
CA LEU D 11 -14.99 -18.64 12.39
C LEU D 11 -13.55 -19.15 12.35
N ASN D 12 -13.33 -20.35 12.88
CA ASN D 12 -11.97 -20.85 13.01
C ASN D 12 -11.42 -21.28 11.67
N THR D 13 -12.25 -21.82 10.79
CA THR D 13 -11.78 -22.20 9.46
C THR D 13 -11.25 -20.95 8.74
N ILE D 14 -12.08 -19.93 8.66
CA ILE D 14 -11.73 -18.73 7.92
C ILE D 14 -10.52 -18.03 8.55
N VAL D 15 -10.50 -17.93 9.88
CA VAL D 15 -9.34 -17.35 10.61
C VAL D 15 -8.05 -18.12 10.32
N THR D 16 -8.09 -19.44 10.47
CA THR D 16 -6.94 -20.28 10.11
C THR D 16 -6.47 -20.07 8.65
N GLY D 17 -7.41 -20.00 7.71
CA GLY D 17 -7.07 -19.95 6.30
C GLY D 17 -6.57 -18.59 5.87
N LEU D 18 -7.07 -17.55 6.54
CA LEU D 18 -6.59 -16.18 6.36
C LEU D 18 -5.30 -15.92 7.11
N GLN D 19 -4.98 -16.79 8.09
CA GLN D 19 -3.91 -16.56 9.08
C GLN D 19 -4.12 -15.23 9.78
N LYS D 23 -9.52 -12.77 15.12
CA LYS D 23 -10.78 -13.50 15.33
C LYS D 23 -12.00 -12.57 15.32
N GLU D 24 -11.95 -11.56 16.20
CA GLU D 24 -13.04 -10.62 16.40
C GLU D 24 -13.61 -9.99 15.11
N PHE D 25 -12.72 -9.58 14.23
CA PHE D 25 -13.09 -9.01 12.94
C PHE D 25 -13.91 -10.01 12.09
N ILE D 26 -13.39 -11.23 11.95
CA ILE D 26 -14.09 -12.27 11.18
C ILE D 26 -15.41 -12.70 11.84
N ALA D 27 -15.43 -12.67 13.17
CA ALA D 27 -16.66 -12.98 13.90
C ALA D 27 -17.81 -12.05 13.49
N ARG D 28 -17.54 -10.74 13.45
CA ARG D 28 -18.54 -9.72 13.09
C ARG D 28 -19.05 -9.86 11.65
N VAL D 29 -18.16 -10.23 10.72
CA VAL D 29 -18.53 -10.56 9.34
C VAL D 29 -19.60 -11.63 9.33
N ILE D 30 -19.37 -12.68 10.13
CA ILE D 30 -20.24 -13.87 10.22
C ILE D 30 -21.59 -13.52 10.84
N LYS D 31 -21.54 -12.79 11.95
CA LYS D 31 -22.74 -12.26 12.61
C LYS D 31 -23.47 -11.28 11.71
N THR D 32 -22.77 -10.76 10.70
CA THR D 32 -23.39 -9.82 9.76
C THR D 32 -23.97 -10.47 8.53
N ILE D 33 -23.22 -11.34 7.87
CA ILE D 33 -23.68 -11.85 6.58
C ILE D 33 -24.15 -13.30 6.60
N GLY D 34 -23.92 -13.98 7.71
CA GLY D 34 -24.25 -15.39 7.83
C GLY D 34 -23.07 -16.28 7.51
N SER D 35 -23.00 -17.43 8.17
CA SER D 35 -21.97 -18.45 7.92
C SER D 35 -21.88 -18.83 6.46
N GLN D 36 -23.03 -18.99 5.83
CA GLN D 36 -23.09 -19.46 4.46
C GLN D 36 -22.37 -18.48 3.52
N ARG D 37 -22.68 -17.20 3.65
CA ARG D 37 -22.16 -16.18 2.77
C ARG D 37 -20.68 -15.90 3.09
N SER D 38 -20.30 -16.05 4.35
CA SER D 38 -18.92 -15.85 4.78
C SER D 38 -17.99 -16.88 4.19
N LEU D 39 -18.40 -18.16 4.16
CA LEU D 39 -17.60 -19.20 3.54
C LEU D 39 -17.48 -18.99 2.04
N GLN D 40 -18.59 -18.63 1.41
CA GLN D 40 -18.58 -18.31 -0.01
C GLN D 40 -17.57 -17.24 -0.33
N LEU D 41 -17.49 -16.27 0.56
CA LEU D 41 -16.57 -15.19 0.39
C LEU D 41 -15.11 -15.67 0.61
N TYR D 42 -14.91 -16.45 1.69
CA TYR D 42 -13.61 -17.05 1.97
C TYR D 42 -13.19 -17.90 0.79
N GLU D 43 -14.11 -18.75 0.31
CA GLU D 43 -13.83 -19.51 -0.90
C GLU D 43 -13.48 -18.65 -2.14
N ASN D 44 -14.22 -17.56 -2.37
CA ASN D 44 -13.94 -16.74 -3.54
C ASN D 44 -12.60 -16.02 -3.40
N ALA D 45 -12.25 -15.63 -2.18
CA ALA D 45 -10.94 -15.06 -1.88
C ALA D 45 -9.82 -16.02 -2.26
N MET D 46 -10.05 -17.31 -1.99
CA MET D 46 -9.10 -18.37 -2.27
C MET D 46 -8.88 -18.49 -3.77
N LYS D 47 -9.98 -18.53 -4.54
CA LYS D 47 -9.87 -18.71 -6.00
C LYS D 47 -9.16 -17.51 -6.59
N VAL D 48 -9.56 -16.31 -6.14
CA VAL D 48 -8.91 -15.06 -6.57
C VAL D 48 -7.41 -15.01 -6.21
N GLU D 49 -7.04 -15.32 -4.96
CA GLU D 49 -5.62 -15.45 -4.59
C GLU D 49 -4.88 -16.39 -5.54
N ASN D 50 -5.47 -17.55 -5.85
CA ASN D 50 -4.85 -18.55 -6.74
C ASN D 50 -4.47 -17.98 -8.10
N SER D 51 -5.26 -17.05 -8.66
CA SER D 51 -4.91 -16.40 -9.95
C SER D 51 -4.10 -15.10 -9.81
N GLY D 52 -3.48 -14.87 -8.66
CA GLY D 52 -2.58 -13.73 -8.48
C GLY D 52 -3.21 -12.53 -7.78
N GLY D 53 -4.41 -12.71 -7.23
CA GLY D 53 -5.07 -11.69 -6.45
C GLY D 53 -5.72 -10.67 -7.36
N LEU D 54 -5.76 -9.42 -6.92
CA LEU D 54 -6.37 -8.39 -7.70
C LEU D 54 -5.69 -7.03 -7.61
N LEU D 55 -6.22 -6.13 -8.44
CA LEU D 55 -5.85 -4.76 -8.47
C LEU D 55 -7.03 -3.91 -7.97
N THR D 56 -6.81 -3.12 -6.92
CA THR D 56 -7.81 -2.20 -6.37
C THR D 56 -8.00 -1.02 -7.30
N ALA D 57 -8.97 -0.15 -6.97
CA ALA D 57 -9.17 1.14 -7.65
C ALA D 57 -7.95 2.06 -7.62
N ASP D 58 -7.09 1.93 -6.61
CA ASP D 58 -5.89 2.76 -6.52
C ASP D 58 -4.64 2.14 -7.15
N MET D 59 -4.82 1.06 -7.92
CA MET D 59 -3.71 0.27 -8.54
C MET D 59 -2.78 -0.39 -7.50
N SER D 60 -3.38 -0.74 -6.39
CA SER D 60 -2.71 -1.38 -5.32
C SER D 60 -3.03 -2.88 -5.42
N ARG D 61 -1.98 -3.70 -5.49
CA ARG D 61 -2.11 -5.15 -5.64
C ARG D 61 -2.52 -5.74 -4.30
N ARG D 62 -3.48 -6.66 -4.35
CA ARG D 62 -3.80 -7.51 -3.23
C ARG D 62 -3.50 -8.91 -3.72
N LYS D 63 -2.39 -9.44 -3.23
CA LYS D 63 -1.95 -10.77 -3.62
C LYS D 63 -2.05 -11.82 -2.51
N THR D 64 -2.11 -11.41 -1.24
CA THR D 64 -2.35 -12.38 -0.16
C THR D 64 -3.84 -12.55 0.07
N ILE D 65 -4.21 -13.74 0.56
CA ILE D 65 -5.58 -14.14 0.79
C ILE D 65 -6.29 -13.13 1.69
N GLY D 66 -5.63 -12.66 2.75
CA GLY D 66 -6.24 -11.78 3.71
C GLY D 66 -6.58 -10.43 3.10
N GLY D 67 -5.60 -9.82 2.44
CA GLY D 67 -5.77 -8.60 1.64
C GLY D 67 -6.87 -8.76 0.62
N VAL D 68 -6.88 -9.88 -0.12
CA VAL D 68 -7.92 -10.14 -1.10
C VAL D 68 -9.28 -10.17 -0.39
N PHE D 69 -9.37 -10.99 0.65
CA PHE D 69 -10.62 -11.17 1.40
C PHE D 69 -11.17 -9.85 1.88
N CYS D 70 -10.31 -9.02 2.48
CA CYS D 70 -10.69 -7.63 2.83
C CYS D 70 -11.23 -6.81 1.67
N TYR D 71 -10.59 -6.88 0.51
CA TYR D 71 -11.06 -6.06 -0.60
C TYR D 71 -12.43 -6.51 -1.07
N LEU D 72 -12.63 -7.84 -1.16
CA LEU D 72 -13.91 -8.38 -1.64
C LEU D 72 -15.02 -8.04 -0.67
N LEU D 73 -14.68 -7.95 0.61
CA LEU D 73 -15.65 -7.60 1.64
C LEU D 73 -16.13 -6.16 1.46
N LYS D 74 -15.20 -5.23 1.28
CA LYS D 74 -15.50 -3.83 1.01
C LYS D 74 -16.35 -3.63 -0.24
N GLN D 75 -16.17 -4.48 -1.25
CA GLN D 75 -16.91 -4.38 -2.50
C GLN D 75 -18.38 -4.69 -2.30
N LEU D 76 -18.69 -5.58 -1.37
CA LEU D 76 -20.08 -5.88 -1.05
C LEU D 76 -20.81 -4.61 -0.61
N VAL D 77 -20.10 -3.75 0.12
CA VAL D 77 -20.61 -2.46 0.58
C VAL D 77 -20.86 -1.56 -0.63
N ALA D 78 -19.83 -1.38 -1.44
CA ALA D 78 -19.94 -0.62 -2.69
C ALA D 78 -21.00 -1.18 -3.63
N GLU D 79 -21.27 -2.48 -3.57
CA GLU D 79 -22.31 -3.11 -4.39
C GLU D 79 -23.67 -3.17 -3.69
N ASP D 80 -23.77 -2.50 -2.54
CA ASP D 80 -24.99 -2.45 -1.73
C ASP D 80 -25.53 -3.80 -1.23
N GLN D 81 -24.63 -4.75 -0.96
CA GLN D 81 -25.00 -6.06 -0.43
C GLN D 81 -24.78 -6.09 1.07
N ILE D 82 -23.90 -5.20 1.53
CA ILE D 82 -23.75 -4.90 2.95
C ILE D 82 -24.08 -3.42 3.03
N THR D 83 -25.01 -3.08 3.91
CA THR D 83 -25.34 -1.69 4.19
C THR D 83 -24.22 -0.99 4.97
N ILE D 84 -24.20 0.34 4.88
CA ILE D 84 -23.20 1.20 5.53
C ILE D 84 -23.12 0.95 7.04
N GLN D 85 -24.28 0.77 7.65
CA GLN D 85 -24.43 0.57 9.07
C GLN D 85 -23.74 -0.72 9.47
N GLU D 86 -23.96 -1.77 8.68
CA GLU D 86 -23.33 -3.05 8.90
C GLU D 86 -21.81 -2.92 8.73
N TRP D 87 -21.39 -2.27 7.66
CA TRP D 87 -19.97 -2.09 7.43
C TRP D 87 -19.30 -1.45 8.64
N ASN D 88 -19.91 -0.40 9.17
CA ASN D 88 -19.39 0.29 10.33
C ASN D 88 -19.31 -0.60 11.55
N TYR D 89 -20.30 -1.46 11.71
CA TYR D 89 -20.31 -2.48 12.75
C TYR D 89 -19.09 -3.41 12.64
N ILE D 90 -18.71 -3.78 11.41
CA ILE D 90 -17.62 -4.74 11.14
C ILE D 90 -16.20 -4.15 11.28
N ARG D 91 -16.01 -2.95 10.73
CA ARG D 91 -14.73 -2.23 10.79
C ARG D 91 -14.29 -1.92 12.23
N GLN D 92 -15.28 -1.86 13.13
CA GLN D 92 -15.09 -1.97 14.58
C GLN D 92 -16.33 -1.54 15.35
#